data_5RZW
#
_entry.id   5RZW
#
_cell.length_a   38.450
_cell.length_b   77.820
_cell.length_c   99.640
_cell.angle_alpha   90.000
_cell.angle_beta   90.000
_cell.angle_gamma   90.000
#
_symmetry.space_group_name_H-M   'P 21 21 21'
#
loop_
_entity.id
_entity.type
_entity.pdbx_description
1 polymer 'Isoform 2 of Band 4.1-like protein 3'
2 non-polymer (S)-1-(4-methoxyphenyl)-1-phenylmethanamine
3 non-polymer 'DIMETHYL SULFOXIDE'
4 non-polymer 1,2-ETHANEDIOL
5 water water
#
_entity_poly.entity_id   1
_entity_poly.type   'polypeptide(L)'
_entity_poly.pdbx_seq_one_letter_code
;SMPKSMQCKVILLDGSEYTCDVEKRSRGQVLFDKVCEHLNLLEKDYFGLTYRDAENQKNWLDPAKEIKKQVRSGAWHFSF
NVKFYPPDPAQLSEDITRYYLCLQLRDDIVSGRLPCSFVTLALLGSYTVQSELGDYDPDECGSDYISEFRFAPNHTKELE
DKVIELHKSHRGMTPAEAEMHFLENAKKLSMYGVDLHHAKDSEGVEIMLGVCASGLLIYRDRLRINRFAWPKVLKISYKR
NNFYIKIRPGEFEQFESTIGFKLPNHRAAKRLWKVCVEHHTFFRLL
;
_entity_poly.pdbx_strand_id   A
#
# COMPACT_ATOMS: atom_id res chain seq x y z
N PRO A 3 -28.25 -5.23 -22.73
CA PRO A 3 -27.13 -5.50 -21.81
C PRO A 3 -27.06 -4.42 -20.72
N LYS A 4 -27.33 -4.81 -19.48
CA LYS A 4 -27.51 -3.83 -18.38
C LYS A 4 -26.15 -3.50 -17.77
N SER A 5 -25.88 -2.20 -17.59
N SER A 5 -25.86 -2.19 -17.67
CA SER A 5 -24.57 -1.68 -17.13
CA SER A 5 -24.60 -1.64 -17.13
C SER A 5 -24.71 -0.92 -15.80
C SER A 5 -24.83 -1.21 -15.67
N MET A 6 -23.74 -1.12 -14.89
CA MET A 6 -23.73 -0.52 -13.54
C MET A 6 -22.72 0.63 -13.54
N GLN A 7 -23.10 1.73 -12.93
CA GLN A 7 -22.21 2.88 -12.72
C GLN A 7 -21.19 2.54 -11.62
N CYS A 8 -19.91 2.80 -11.90
CA CYS A 8 -18.79 2.59 -10.94
C CYS A 8 -18.16 3.92 -10.63
N LYS A 9 -17.85 4.18 -9.35
CA LYS A 9 -17.14 5.37 -8.90
C LYS A 9 -15.81 4.93 -8.28
N VAL A 10 -14.71 5.49 -8.77
CA VAL A 10 -13.35 5.05 -8.31
C VAL A 10 -12.62 6.27 -7.80
N ILE A 11 -12.20 6.23 -6.53
CA ILE A 11 -11.33 7.29 -5.98
C ILE A 11 -9.91 7.02 -6.45
N LEU A 12 -9.38 7.98 -7.22
CA LEU A 12 -8.03 7.90 -7.79
C LEU A 12 -7.03 8.42 -6.77
N LEU A 13 -5.75 8.14 -7.01
CA LEU A 13 -4.73 8.45 -5.99
C LEU A 13 -4.50 9.95 -5.86
N ASP A 14 -4.93 10.78 -6.85
CA ASP A 14 -4.88 12.26 -6.70
C ASP A 14 -6.09 12.77 -5.91
N GLY A 15 -6.96 11.87 -5.44
CA GLY A 15 -8.14 12.26 -4.63
C GLY A 15 -9.34 12.60 -5.49
N SER A 16 -9.21 12.56 -6.80
CA SER A 16 -10.37 12.78 -7.73
C SER A 16 -11.18 11.50 -7.87
N GLU A 17 -12.38 11.63 -8.43
CA GLU A 17 -13.37 10.53 -8.55
C GLU A 17 -13.60 10.25 -10.04
N TYR A 18 -13.29 9.05 -10.49
CA TYR A 18 -13.49 8.60 -11.88
C TYR A 18 -14.80 7.81 -11.92
N THR A 19 -15.68 8.11 -12.85
CA THR A 19 -16.97 7.41 -13.05
C THR A 19 -16.94 6.68 -14.39
N CYS A 20 -17.31 5.40 -14.42
CA CYS A 20 -17.52 4.62 -15.66
C CYS A 20 -18.63 3.59 -15.46
N ASP A 21 -18.97 2.89 -16.53
CA ASP A 21 -20.01 1.85 -16.51
C ASP A 21 -19.36 0.54 -16.93
N VAL A 22 -19.83 -0.55 -16.39
CA VAL A 22 -19.47 -1.92 -16.86
C VAL A 22 -20.76 -2.72 -16.85
N GLU A 23 -20.85 -3.74 -17.68
CA GLU A 23 -21.96 -4.71 -17.66
C GLU A 23 -22.08 -5.29 -16.24
N LYS A 24 -23.31 -5.52 -15.76
CA LYS A 24 -23.56 -5.87 -14.33
C LYS A 24 -22.93 -7.22 -13.96
N ARG A 25 -22.68 -8.14 -14.91
CA ARG A 25 -22.04 -9.43 -14.62
C ARG A 25 -20.51 -9.33 -14.87
N SER A 26 -19.98 -8.13 -15.03
CA SER A 26 -18.53 -7.92 -15.30
C SER A 26 -17.66 -8.47 -14.17
N ARG A 27 -16.51 -9.02 -14.53
CA ARG A 27 -15.45 -9.41 -13.57
C ARG A 27 -14.63 -8.18 -13.22
N GLY A 28 -13.92 -8.23 -12.07
CA GLY A 28 -13.15 -7.07 -11.60
C GLY A 28 -12.18 -6.55 -12.68
N GLN A 29 -11.56 -7.48 -13.44
CA GLN A 29 -10.54 -7.11 -14.44
C GLN A 29 -11.06 -6.05 -15.40
N VAL A 30 -12.35 -6.14 -15.79
CA VAL A 30 -12.96 -5.20 -16.78
C VAL A 30 -12.84 -3.77 -16.24
N LEU A 31 -13.30 -3.52 -15.02
CA LEU A 31 -13.25 -2.18 -14.40
C LEU A 31 -11.78 -1.76 -14.25
N PHE A 32 -10.97 -2.64 -13.74
CA PHE A 32 -9.55 -2.35 -13.50
C PHE A 32 -8.90 -1.90 -14.83
N ASP A 33 -9.17 -2.63 -15.92
CA ASP A 33 -8.61 -2.26 -17.24
C ASP A 33 -9.06 -0.84 -17.59
N LYS A 34 -10.34 -0.52 -17.44
CA LYS A 34 -10.86 0.85 -17.76
C LYS A 34 -10.11 1.90 -16.93
N VAL A 35 -9.93 1.67 -15.63
CA VAL A 35 -9.26 2.67 -14.77
C VAL A 35 -7.80 2.83 -15.24
N CYS A 36 -7.09 1.74 -15.43
CA CYS A 36 -5.69 1.79 -15.86
C CYS A 36 -5.56 2.52 -17.19
N GLU A 37 -6.45 2.28 -18.15
CA GLU A 37 -6.40 3.00 -19.44
C GLU A 37 -6.57 4.49 -19.15
N HIS A 38 -7.56 4.87 -18.34
CA HIS A 38 -7.78 6.27 -17.94
C HIS A 38 -6.48 6.86 -17.37
N LEU A 39 -5.73 6.07 -16.59
CA LEU A 39 -4.53 6.59 -15.90
C LEU A 39 -3.30 6.53 -16.83
N ASN A 40 -3.41 6.00 -18.05
CA ASN A 40 -2.26 5.76 -18.97
C ASN A 40 -1.22 4.88 -18.27
N LEU A 41 -1.69 3.91 -17.50
CA LEU A 41 -0.82 2.99 -16.74
C LEU A 41 -0.70 1.65 -17.48
N LEU A 42 0.53 1.27 -17.78
CA LEU A 42 0.87 -0.02 -18.42
C LEU A 42 1.38 -1.03 -17.42
N GLU A 43 2.16 -0.60 -16.41
CA GLU A 43 2.73 -1.52 -15.42
C GLU A 43 1.66 -1.80 -14.38
N LYS A 44 0.59 -2.47 -14.79
CA LYS A 44 -0.64 -2.58 -13.97
C LYS A 44 -0.48 -3.60 -12.83
N ASP A 45 0.50 -4.51 -12.91
CA ASP A 45 0.59 -5.68 -12.00
C ASP A 45 0.76 -5.27 -10.53
N TYR A 46 1.28 -4.08 -10.25
CA TYR A 46 1.55 -3.61 -8.88
C TYR A 46 0.29 -3.04 -8.22
N PHE A 47 -0.80 -2.87 -8.96
CA PHE A 47 -1.98 -2.10 -8.49
C PHE A 47 -3.24 -2.99 -8.43
N GLY A 48 -4.32 -2.46 -7.87
CA GLY A 48 -5.60 -3.13 -7.73
C GLY A 48 -6.64 -2.10 -7.32
N LEU A 49 -7.88 -2.57 -7.25
CA LEU A 49 -9.00 -1.77 -6.72
C LEU A 49 -9.40 -2.35 -5.37
N THR A 50 -9.77 -1.48 -4.44
CA THR A 50 -10.33 -1.90 -3.16
C THR A 50 -11.77 -1.42 -3.11
N TYR A 51 -12.54 -2.11 -2.30
CA TYR A 51 -13.89 -1.66 -1.89
C TYR A 51 -14.00 -1.88 -0.38
N ARG A 52 -15.05 -1.31 0.21
CA ARG A 52 -15.39 -1.45 1.65
C ARG A 52 -16.54 -2.43 1.76
N ASP A 53 -16.42 -3.43 2.62
CA ASP A 53 -17.44 -4.51 2.75
C ASP A 53 -18.49 -4.04 3.75
N ALA A 54 -19.45 -4.93 4.04
CA ALA A 54 -20.64 -4.65 4.87
C ALA A 54 -20.17 -4.40 6.31
N GLU A 55 -18.97 -4.87 6.68
CA GLU A 55 -18.35 -4.61 8.01
C GLU A 55 -17.44 -3.37 7.94
N ASN A 56 -17.42 -2.67 6.78
CA ASN A 56 -16.54 -1.52 6.45
C ASN A 56 -15.04 -1.87 6.41
N GLN A 57 -14.67 -3.11 6.09
CA GLN A 57 -13.23 -3.47 5.97
C GLN A 57 -12.83 -3.23 4.51
N LYS A 58 -11.59 -2.81 4.27
CA LYS A 58 -10.96 -2.75 2.92
C LYS A 58 -10.79 -4.17 2.42
N ASN A 59 -11.23 -4.40 1.20
CA ASN A 59 -11.06 -5.69 0.50
C ASN A 59 -10.48 -5.39 -0.87
N TRP A 60 -9.58 -6.24 -1.38
CA TRP A 60 -9.15 -6.16 -2.77
C TRP A 60 -10.24 -6.73 -3.65
N LEU A 61 -10.60 -6.02 -4.69
CA LEU A 61 -11.48 -6.52 -5.76
C LEU A 61 -10.69 -7.57 -6.54
N ASP A 62 -11.18 -8.81 -6.53
CA ASP A 62 -10.55 -9.92 -7.27
C ASP A 62 -10.88 -9.76 -8.74
N PRO A 63 -9.87 -9.58 -9.60
CA PRO A 63 -10.11 -9.28 -11.01
C PRO A 63 -10.72 -10.50 -11.74
N ALA A 64 -10.58 -11.68 -11.15
CA ALA A 64 -11.07 -12.94 -11.75
C ALA A 64 -12.53 -13.19 -11.45
N LYS A 65 -13.11 -12.53 -10.44
CA LYS A 65 -14.49 -12.82 -9.99
C LYS A 65 -15.46 -11.70 -10.36
N GLU A 66 -16.74 -12.02 -10.41
CA GLU A 66 -17.77 -11.00 -10.72
C GLU A 66 -17.69 -9.89 -9.66
N ILE A 67 -17.79 -8.65 -10.08
CA ILE A 67 -17.84 -7.47 -9.17
C ILE A 67 -19.05 -7.65 -8.25
N LYS A 68 -20.20 -8.03 -8.81
CA LYS A 68 -21.46 -8.09 -8.00
C LYS A 68 -21.34 -9.11 -6.88
N LYS A 69 -20.59 -10.19 -7.04
CA LYS A 69 -20.46 -11.24 -6.00
C LYS A 69 -19.45 -10.82 -4.94
N GLN A 70 -18.76 -9.70 -5.12
CA GLN A 70 -17.80 -9.17 -4.13
C GLN A 70 -18.47 -8.01 -3.38
N VAL A 71 -18.97 -7.01 -4.08
CA VAL A 71 -19.56 -5.81 -3.42
C VAL A 71 -20.91 -6.20 -2.81
N ARG A 72 -21.56 -7.24 -3.36
CA ARG A 72 -22.78 -7.89 -2.81
C ARG A 72 -23.83 -6.81 -2.58
N SER A 73 -24.07 -6.43 -1.33
CA SER A 73 -25.18 -5.51 -1.00
C SER A 73 -24.71 -4.05 -1.13
N GLY A 74 -23.40 -3.79 -1.21
CA GLY A 74 -22.86 -2.42 -1.08
C GLY A 74 -22.81 -1.69 -2.40
N ALA A 75 -22.38 -0.44 -2.34
CA ALA A 75 -22.28 0.47 -3.51
C ALA A 75 -21.12 0.02 -4.37
N TRP A 76 -21.21 0.32 -5.65
CA TRP A 76 -20.10 0.02 -6.62
C TRP A 76 -19.13 1.20 -6.57
N HIS A 77 -18.52 1.34 -5.41
CA HIS A 77 -17.59 2.42 -5.06
C HIS A 77 -16.26 1.77 -4.70
N PHE A 78 -15.20 2.28 -5.28
CA PHE A 78 -13.86 1.64 -5.20
C PHE A 78 -12.80 2.68 -4.98
N SER A 79 -11.61 2.24 -4.60
CA SER A 79 -10.38 3.07 -4.63
C SER A 79 -9.31 2.37 -5.45
N PHE A 80 -8.51 3.14 -6.15
CA PHE A 80 -7.34 2.64 -6.91
C PHE A 80 -6.11 2.75 -6.01
N ASN A 81 -5.37 1.64 -5.84
CA ASN A 81 -4.32 1.55 -4.82
C ASN A 81 -3.16 0.68 -5.31
N VAL A 82 -2.02 0.93 -4.72
CA VAL A 82 -0.86 0.01 -4.85
C VAL A 82 -1.20 -1.25 -4.05
N LYS A 83 -1.03 -2.41 -4.69
CA LYS A 83 -1.28 -3.74 -4.08
C LYS A 83 0.06 -4.37 -3.67
N PHE A 84 1.02 -4.35 -4.60
CA PHE A 84 2.38 -4.92 -4.40
C PHE A 84 3.42 -3.81 -4.49
N TYR A 85 3.98 -3.42 -3.35
CA TYR A 85 4.96 -2.30 -3.31
C TYR A 85 6.30 -2.87 -3.73
N PRO A 86 6.88 -2.42 -4.85
CA PRO A 86 8.14 -3.02 -5.31
C PRO A 86 9.29 -2.67 -4.37
N PRO A 87 10.12 -3.66 -3.96
CA PRO A 87 11.28 -3.35 -3.13
C PRO A 87 12.27 -2.42 -3.82
N ASP A 88 12.31 -2.43 -5.14
CA ASP A 88 13.27 -1.58 -5.89
C ASP A 88 12.53 -0.82 -6.97
N PRO A 89 11.91 0.33 -6.61
CA PRO A 89 11.14 1.08 -7.59
C PRO A 89 11.96 1.62 -8.77
N ALA A 90 13.29 1.73 -8.63
CA ALA A 90 14.17 2.10 -9.78
C ALA A 90 14.07 1.09 -10.91
N GLN A 91 13.68 -0.17 -10.61
CA GLN A 91 13.59 -1.27 -11.61
C GLN A 91 12.29 -1.14 -12.41
N LEU A 92 11.31 -0.34 -11.96
CA LEU A 92 10.05 -0.19 -12.74
C LEU A 92 10.42 0.44 -14.09
N SER A 93 9.72 0.02 -15.15
CA SER A 93 10.00 0.45 -16.54
C SER A 93 9.65 1.91 -16.78
N GLU A 94 8.56 2.39 -16.17
CA GLU A 94 7.98 3.71 -16.52
C GLU A 94 7.92 4.67 -15.35
N ASP A 95 8.25 5.90 -15.69
CA ASP A 95 8.14 7.03 -14.76
C ASP A 95 6.70 7.11 -14.27
N ILE A 96 5.70 6.87 -15.11
CA ILE A 96 4.31 7.10 -14.63
C ILE A 96 3.96 6.09 -13.55
N THR A 97 4.53 4.91 -13.59
CA THR A 97 4.32 3.90 -12.55
C THR A 97 4.89 4.44 -11.24
N ARG A 98 6.09 5.01 -11.32
CA ARG A 98 6.78 5.55 -10.11
C ARG A 98 5.93 6.71 -9.57
N TYR A 99 5.32 7.48 -10.46
CA TYR A 99 4.46 8.63 -10.08
C TYR A 99 3.26 8.15 -9.24
N TYR A 100 2.55 7.13 -9.70
CA TYR A 100 1.39 6.61 -8.96
C TYR A 100 1.86 6.00 -7.65
N LEU A 101 3.02 5.33 -7.65
CA LEU A 101 3.56 4.78 -6.38
C LEU A 101 3.82 5.91 -5.39
N CYS A 102 4.39 7.03 -5.85
CA CYS A 102 4.60 8.22 -5.01
C CYS A 102 3.28 8.67 -4.41
N LEU A 103 2.25 8.82 -5.25
CA LEU A 103 0.95 9.33 -4.73
C LEU A 103 0.45 8.37 -3.63
N GLN A 104 0.52 7.06 -3.85
CA GLN A 104 0.08 6.06 -2.83
C GLN A 104 0.86 6.31 -1.53
N LEU A 105 2.20 6.39 -1.65
CA LEU A 105 3.05 6.53 -0.48
C LEU A 105 2.76 7.84 0.25
N ARG A 106 2.50 8.93 -0.47
CA ARG A 106 2.11 10.19 0.21
C ARG A 106 0.89 9.96 1.12
N ASP A 107 -0.09 9.16 0.68
CA ASP A 107 -1.32 8.87 1.48
C ASP A 107 -0.96 7.94 2.61
N ASP A 108 -0.07 6.99 2.37
CA ASP A 108 0.39 6.07 3.42
C ASP A 108 1.03 6.90 4.54
N ILE A 109 1.76 7.94 4.18
CA ILE A 109 2.46 8.77 5.20
C ILE A 109 1.44 9.66 5.91
N VAL A 110 0.63 10.43 5.21
CA VAL A 110 -0.33 11.41 5.80
C VAL A 110 -1.24 10.62 6.75
N SER A 111 -1.64 9.41 6.35
CA SER A 111 -2.62 8.56 7.06
C SER A 111 -1.99 7.98 8.34
N GLY A 112 -0.67 8.00 8.45
CA GLY A 112 0.10 7.35 9.52
C GLY A 112 0.26 5.87 9.36
N ARG A 113 -0.15 5.25 8.23
CA ARG A 113 0.12 3.81 7.97
C ARG A 113 1.62 3.59 7.82
N LEU A 114 2.35 4.60 7.37
CA LEU A 114 3.80 4.49 7.11
C LEU A 114 4.53 5.48 8.00
N PRO A 115 4.95 5.07 9.21
CA PRO A 115 5.57 5.99 10.12
C PRO A 115 6.90 6.43 9.54
N CYS A 116 7.31 7.64 9.90
N CYS A 116 7.21 7.71 9.75
CA CYS A 116 8.45 8.33 9.30
CA CYS A 116 8.46 8.39 9.30
C CYS A 116 8.99 9.37 10.28
C CYS A 116 9.00 9.24 10.45
N SER A 117 10.32 9.44 10.44
CA SER A 117 11.00 10.44 11.29
C SER A 117 10.70 11.84 10.74
N PHE A 118 10.83 12.83 11.61
CA PHE A 118 10.76 14.26 11.23
C PHE A 118 11.58 14.52 9.96
N VAL A 119 12.86 14.13 9.99
CA VAL A 119 13.79 14.51 8.90
C VAL A 119 13.33 13.84 7.61
N THR A 120 12.95 12.57 7.67
CA THR A 120 12.47 11.87 6.46
C THR A 120 11.13 12.45 5.97
N LEU A 121 10.20 12.82 6.85
CA LEU A 121 8.97 13.52 6.41
C LEU A 121 9.35 14.78 5.61
N ALA A 122 10.31 15.55 6.12
CA ALA A 122 10.71 16.83 5.47
C ALA A 122 11.38 16.54 4.12
N LEU A 123 12.25 15.53 4.07
CA LEU A 123 12.94 15.16 2.83
C LEU A 123 11.94 14.69 1.79
N LEU A 124 11.06 13.76 2.14
CA LEU A 124 10.03 13.27 1.21
C LEU A 124 9.16 14.44 0.73
N GLY A 125 8.74 15.31 1.65
CA GLY A 125 7.94 16.49 1.31
C GLY A 125 8.69 17.40 0.33
N SER A 126 10.00 17.59 0.54
CA SER A 126 10.82 18.46 -0.33
C SER A 126 10.88 17.89 -1.76
N TYR A 127 10.89 16.58 -1.92
CA TYR A 127 10.90 15.97 -3.27
C TYR A 127 9.53 16.13 -3.93
N THR A 128 8.47 15.94 -3.17
CA THR A 128 7.09 16.17 -3.68
C THR A 128 6.98 17.61 -4.20
N VAL A 129 7.40 18.58 -3.41
CA VAL A 129 7.28 20.00 -3.85
C VAL A 129 8.10 20.20 -5.11
N GLN A 130 9.32 19.69 -5.15
CA GLN A 130 10.19 19.90 -6.31
C GLN A 130 9.48 19.32 -7.56
N SER A 131 8.94 18.11 -7.46
N SER A 131 8.88 18.14 -7.41
CA SER A 131 8.23 17.46 -8.59
CA SER A 131 8.23 17.38 -8.51
C SER A 131 7.05 18.34 -9.02
C SER A 131 6.90 18.04 -8.93
N GLU A 132 6.27 18.82 -8.05
CA GLU A 132 4.97 19.50 -8.36
C GLU A 132 5.12 20.97 -8.71
N LEU A 133 6.03 21.71 -8.08
CA LEU A 133 6.18 23.16 -8.33
C LEU A 133 7.45 23.45 -9.12
N GLY A 134 8.41 22.53 -9.15
CA GLY A 134 9.72 22.83 -9.74
C GLY A 134 10.60 23.54 -8.72
N ASP A 135 11.51 24.38 -9.20
CA ASP A 135 12.59 24.98 -8.39
C ASP A 135 12.00 25.87 -7.31
N TYR A 136 12.65 25.91 -6.14
CA TYR A 136 12.30 26.82 -5.04
C TYR A 136 12.18 28.27 -5.56
N ASP A 137 11.11 28.93 -5.14
CA ASP A 137 10.84 30.37 -5.38
C ASP A 137 10.49 31.08 -4.07
N PRO A 138 11.30 32.05 -3.62
CA PRO A 138 10.97 32.82 -2.42
C PRO A 138 9.66 33.64 -2.48
N ASP A 139 9.20 33.95 -3.69
CA ASP A 139 8.05 34.86 -3.98
C ASP A 139 6.76 34.24 -3.43
N GLU A 140 6.65 32.91 -3.41
CA GLU A 140 5.46 32.17 -2.92
C GLU A 140 5.65 31.86 -1.43
N CYS A 141 6.90 31.76 -0.99
CA CYS A 141 7.30 31.28 0.37
C CYS A 141 7.95 32.40 1.19
N GLY A 142 7.22 32.95 2.14
CA GLY A 142 7.75 33.87 3.18
C GLY A 142 8.12 33.10 4.42
N SER A 143 8.60 33.79 5.46
CA SER A 143 9.00 33.20 6.77
C SER A 143 7.79 32.51 7.42
N ASP A 144 6.57 32.91 7.05
CA ASP A 144 5.30 32.34 7.59
C ASP A 144 4.63 31.35 6.61
N TYR A 145 5.37 30.70 5.70
CA TYR A 145 4.78 29.82 4.65
C TYR A 145 4.25 28.50 5.24
N ILE A 146 3.03 28.12 4.85
CA ILE A 146 2.46 26.75 5.00
C ILE A 146 1.94 26.24 3.65
N SER A 147 2.55 25.15 3.15
CA SER A 147 2.24 24.47 1.88
C SER A 147 0.83 23.89 1.90
N GLU A 148 0.19 23.84 0.73
CA GLU A 148 -1.12 23.16 0.57
C GLU A 148 -0.89 21.66 0.70
N PHE A 149 0.34 21.19 0.41
CA PHE A 149 0.70 19.76 0.40
C PHE A 149 0.62 19.32 1.85
N ARG A 150 -0.13 18.26 2.02
CA ARG A 150 -0.18 17.42 3.22
C ARG A 150 1.04 16.51 3.11
N PHE A 151 1.90 16.55 4.13
CA PHE A 151 3.20 15.86 4.25
C PHE A 151 3.24 14.83 5.36
N ALA A 152 2.33 14.89 6.33
CA ALA A 152 2.54 14.16 7.59
C ALA A 152 1.21 14.05 8.30
N PRO A 153 1.10 13.07 9.21
CA PRO A 153 -0.13 12.91 9.99
C PRO A 153 -0.36 14.10 10.93
N ASN A 154 0.70 14.78 11.34
CA ASN A 154 0.58 16.01 12.19
C ASN A 154 1.60 17.03 11.69
N HIS A 155 1.10 18.12 11.14
CA HIS A 155 1.94 19.19 10.61
C HIS A 155 2.37 20.15 11.74
N THR A 156 3.59 20.63 11.63
CA THR A 156 4.13 21.72 12.47
C THR A 156 4.81 22.77 11.60
N LYS A 157 4.93 23.98 12.13
CA LYS A 157 5.67 25.03 11.41
C LYS A 157 7.12 24.61 11.17
N GLU A 158 7.73 23.95 12.18
CA GLU A 158 9.07 23.31 12.12
C GLU A 158 9.20 22.50 10.83
N LEU A 159 8.22 21.63 10.61
CA LEU A 159 8.25 20.67 9.48
C LEU A 159 8.16 21.46 8.17
N GLU A 160 7.28 22.45 8.11
CA GLU A 160 7.11 23.29 6.90
C GLU A 160 8.42 23.98 6.58
N ASP A 161 9.12 24.47 7.60
CA ASP A 161 10.39 25.20 7.40
C ASP A 161 11.45 24.23 6.86
N LYS A 162 11.45 23.01 7.37
CA LYS A 162 12.47 22.02 6.97
C LYS A 162 12.21 21.58 5.53
N VAL A 163 10.95 21.40 5.15
CA VAL A 163 10.62 21.10 3.72
C VAL A 163 11.20 22.20 2.84
N ILE A 164 11.02 23.45 3.19
CA ILE A 164 11.52 24.58 2.33
C ILE A 164 13.04 24.54 2.29
N GLU A 165 13.69 24.36 3.46
CA GLU A 165 15.17 24.34 3.49
C GLU A 165 15.65 23.26 2.52
N LEU A 166 15.08 22.05 2.56
CA LEU A 166 15.58 20.95 1.69
C LEU A 166 15.17 21.24 0.23
N HIS A 167 14.01 21.86 0.03
CA HIS A 167 13.55 22.19 -1.34
C HIS A 167 14.59 23.08 -2.03
N LYS A 168 15.11 24.05 -1.31
CA LYS A 168 16.13 24.96 -1.86
C LYS A 168 17.27 24.15 -2.46
N SER A 169 17.62 23.00 -1.90
CA SER A 169 18.82 22.22 -2.28
C SER A 169 18.54 21.46 -3.58
N HIS A 170 17.30 21.40 -4.07
CA HIS A 170 16.93 20.52 -5.23
C HIS A 170 16.85 21.30 -6.55
N ARG A 171 17.42 22.50 -6.64
CA ARG A 171 17.32 23.31 -7.90
C ARG A 171 17.80 22.48 -9.09
N GLY A 172 17.00 22.46 -10.18
CA GLY A 172 17.29 21.86 -11.49
C GLY A 172 16.77 20.43 -11.58
N MET A 173 16.20 19.93 -10.48
CA MET A 173 15.71 18.54 -10.42
C MET A 173 14.40 18.45 -11.19
N THR A 174 14.30 17.50 -12.10
CA THR A 174 13.05 17.32 -12.88
C THR A 174 12.06 16.47 -12.06
N PRO A 175 10.75 16.46 -12.43
CA PRO A 175 9.77 15.68 -11.67
C PRO A 175 10.12 14.21 -11.54
N ALA A 176 10.55 13.57 -12.62
CA ALA A 176 10.90 12.13 -12.62
C ALA A 176 12.07 11.90 -11.67
N GLU A 177 13.05 12.78 -11.69
CA GLU A 177 14.25 12.71 -10.82
C GLU A 177 13.82 12.83 -9.35
N ALA A 178 12.94 13.78 -9.04
CA ALA A 178 12.51 14.07 -7.66
C ALA A 178 11.69 12.87 -7.14
N GLU A 179 10.85 12.31 -8.01
CA GLU A 179 10.01 11.13 -7.69
C GLU A 179 10.94 9.96 -7.42
N MET A 180 11.98 9.79 -8.22
CA MET A 180 12.88 8.65 -7.97
C MET A 180 13.57 8.85 -6.60
N HIS A 181 14.04 10.07 -6.28
CA HIS A 181 14.62 10.34 -4.94
C HIS A 181 13.60 10.07 -3.83
N PHE A 182 12.36 10.48 -4.05
CA PHE A 182 11.31 10.21 -3.04
C PHE A 182 11.29 8.71 -2.74
N LEU A 183 11.28 7.89 -3.78
CA LEU A 183 11.12 6.44 -3.65
C LEU A 183 12.38 5.80 -3.07
N GLU A 184 13.57 6.29 -3.40
CA GLU A 184 14.84 5.75 -2.86
C GLU A 184 14.85 5.89 -1.33
N ASN A 185 14.24 6.97 -0.82
CA ASN A 185 14.13 7.23 0.63
C ASN A 185 12.96 6.41 1.21
N ALA A 186 11.78 6.47 0.58
CA ALA A 186 10.57 5.83 1.14
C ALA A 186 10.76 4.32 1.28
N LYS A 187 11.42 3.68 0.31
CA LYS A 187 11.55 2.21 0.22
C LYS A 187 12.34 1.70 1.43
N LYS A 188 13.08 2.55 2.11
CA LYS A 188 13.93 2.10 3.25
C LYS A 188 13.18 2.08 4.58
N LEU A 189 12.00 2.70 4.62
CA LEU A 189 11.27 2.86 5.90
C LEU A 189 10.83 1.47 6.38
N SER A 190 10.91 1.22 7.67
CA SER A 190 10.68 -0.15 8.20
C SER A 190 9.25 -0.63 7.85
N MET A 191 8.26 0.26 7.65
CA MET A 191 6.87 -0.17 7.35
C MET A 191 6.53 0.00 5.85
N TYR A 192 7.51 0.26 5.00
CA TYR A 192 7.25 0.34 3.54
C TYR A 192 6.62 -0.94 3.00
N GLY A 193 5.45 -0.79 2.40
CA GLY A 193 4.69 -1.87 1.73
C GLY A 193 4.23 -2.96 2.70
N VAL A 194 4.16 -2.66 4.00
CA VAL A 194 3.68 -3.64 5.02
C VAL A 194 2.18 -3.45 5.20
N ASP A 195 1.42 -4.50 4.90
CA ASP A 195 -0.04 -4.56 5.12
C ASP A 195 -0.25 -5.18 6.51
N LEU A 196 -0.78 -4.42 7.45
CA LEU A 196 -0.90 -4.87 8.87
C LEU A 196 -2.27 -5.44 9.17
N HIS A 197 -2.30 -6.54 9.90
CA HIS A 197 -3.55 -7.21 10.31
C HIS A 197 -3.51 -7.41 11.81
N HIS A 198 -4.52 -6.94 12.53
CA HIS A 198 -4.73 -7.26 13.97
C HIS A 198 -5.03 -8.76 14.16
N ALA A 199 -4.43 -9.36 15.17
CA ALA A 199 -4.56 -10.80 15.48
C ALA A 199 -4.16 -11.05 16.95
N LYS A 200 -4.49 -12.23 17.45
CA LYS A 200 -4.03 -12.74 18.77
C LYS A 200 -3.21 -13.99 18.54
N ASP A 201 -2.16 -14.18 19.32
CA ASP A 201 -1.31 -15.38 19.21
C ASP A 201 -2.06 -16.50 19.93
N SER A 202 -1.49 -17.71 19.92
CA SER A 202 -2.08 -18.96 20.48
C SER A 202 -2.33 -18.85 21.99
N GLU A 203 -1.82 -17.81 22.65
CA GLU A 203 -2.02 -17.57 24.11
C GLU A 203 -3.10 -16.50 24.34
N GLY A 204 -3.47 -15.72 23.32
CA GLY A 204 -4.49 -14.66 23.40
C GLY A 204 -3.89 -13.27 23.49
N VAL A 205 -2.58 -13.15 23.29
CA VAL A 205 -1.83 -11.85 23.37
C VAL A 205 -2.01 -11.15 22.02
N GLU A 206 -2.38 -9.87 22.05
CA GLU A 206 -2.68 -9.04 20.85
C GLU A 206 -1.38 -8.76 20.12
N ILE A 207 -1.33 -9.12 18.84
CA ILE A 207 -0.14 -8.91 17.99
C ILE A 207 -0.62 -8.24 16.70
N MET A 208 0.34 -7.88 15.85
CA MET A 208 0.06 -7.45 14.47
C MET A 208 0.82 -8.38 13.54
N LEU A 209 0.16 -8.79 12.48
CA LEU A 209 0.82 -9.57 11.41
C LEU A 209 1.03 -8.65 10.21
N GLY A 210 2.24 -8.58 9.69
CA GLY A 210 2.51 -7.68 8.56
C GLY A 210 2.83 -8.52 7.35
N VAL A 211 2.25 -8.18 6.22
CA VAL A 211 2.49 -8.93 4.97
C VAL A 211 3.24 -8.00 4.01
N CYS A 212 4.33 -8.44 3.47
CA CYS A 212 5.13 -7.58 2.57
C CYS A 212 5.95 -8.46 1.64
N ALA A 213 6.75 -7.83 0.78
CA ALA A 213 7.59 -8.50 -0.22
C ALA A 213 8.47 -9.62 0.39
N SER A 214 9.10 -9.36 1.54
CA SER A 214 10.16 -10.27 2.05
C SER A 214 9.53 -11.43 2.81
N GLY A 215 8.32 -11.24 3.34
CA GLY A 215 7.69 -12.34 4.09
C GLY A 215 6.58 -11.89 5.01
N LEU A 216 6.42 -12.61 6.09
CA LEU A 216 5.40 -12.35 7.12
C LEU A 216 6.15 -11.86 8.36
N LEU A 217 5.65 -10.79 8.98
CA LEU A 217 6.25 -10.22 10.20
C LEU A 217 5.23 -10.38 11.30
N ILE A 218 5.70 -10.68 12.52
CA ILE A 218 4.86 -10.65 13.75
C ILE A 218 5.37 -9.50 14.62
N TYR A 219 4.48 -8.56 14.98
CA TYR A 219 4.78 -7.37 15.82
C TYR A 219 4.17 -7.59 17.21
N ARG A 220 5.01 -7.77 18.22
CA ARG A 220 4.60 -8.12 19.61
C ARG A 220 4.94 -6.96 20.56
N ASP A 221 5.57 -7.28 21.70
CA ASP A 221 5.87 -6.35 22.82
C ASP A 221 6.73 -5.18 22.31
N ARG A 222 7.52 -5.43 21.25
CA ARG A 222 8.37 -4.41 20.58
C ARG A 222 9.83 -4.61 21.01
N LEU A 223 10.08 -5.67 21.79
CA LEU A 223 11.43 -6.25 22.01
C LEU A 223 11.52 -7.53 21.18
N ARG A 224 10.37 -7.99 20.68
CA ARG A 224 10.23 -9.26 19.92
C ARG A 224 9.44 -9.02 18.63
N ILE A 225 10.15 -8.97 17.50
CA ILE A 225 9.58 -9.00 16.12
C ILE A 225 10.13 -10.22 15.39
N ASN A 226 9.26 -11.20 15.09
CA ASN A 226 9.61 -12.43 14.35
C ASN A 226 9.36 -12.19 12.86
N ARG A 227 10.28 -12.66 12.01
CA ARG A 227 10.21 -12.50 10.54
C ARG A 227 10.33 -13.87 9.89
N PHE A 228 9.41 -14.21 8.99
CA PHE A 228 9.43 -15.49 8.24
C PHE A 228 9.53 -15.12 6.77
N ALA A 229 10.72 -15.26 6.20
CA ALA A 229 10.99 -15.06 4.76
C ALA A 229 10.05 -15.99 3.99
N TRP A 230 9.49 -15.54 2.86
CA TRP A 230 8.54 -16.39 2.09
C TRP A 230 9.08 -17.81 1.92
N PRO A 231 10.37 -18.03 1.54
CA PRO A 231 10.89 -19.39 1.45
C PRO A 231 10.70 -20.29 2.68
N LYS A 232 10.79 -19.74 3.91
CA LYS A 232 10.62 -20.48 5.19
C LYS A 232 9.14 -20.85 5.40
N VAL A 233 8.21 -20.28 4.62
CA VAL A 233 6.75 -20.49 4.79
C VAL A 233 6.30 -21.61 3.86
N LEU A 234 6.06 -22.82 4.36
CA LEU A 234 5.74 -23.94 3.45
C LEU A 234 4.25 -23.94 3.09
N LYS A 235 3.36 -23.60 4.02
CA LYS A 235 1.92 -23.47 3.67
C LYS A 235 1.22 -22.53 4.65
N ILE A 236 0.13 -21.96 4.12
CA ILE A 236 -0.74 -20.92 4.73
C ILE A 236 -2.17 -21.46 4.75
N SER A 237 -2.91 -21.32 5.83
CA SER A 237 -4.30 -21.83 5.80
C SER A 237 -5.18 -21.06 6.76
N TYR A 238 -6.48 -21.18 6.57
CA TYR A 238 -7.42 -20.60 7.55
C TYR A 238 -8.54 -21.61 7.81
N LYS A 239 -9.08 -21.53 9.00
CA LYS A 239 -10.19 -22.39 9.46
C LYS A 239 -10.94 -21.62 10.53
N ARG A 240 -12.23 -21.36 10.31
CA ARG A 240 -13.07 -20.53 11.20
C ARG A 240 -12.36 -19.17 11.36
N ASN A 241 -12.02 -18.75 12.57
CA ASN A 241 -11.41 -17.43 12.87
C ASN A 241 -9.90 -17.56 12.97
N ASN A 242 -9.38 -18.69 12.54
CA ASN A 242 -7.95 -19.01 12.78
C ASN A 242 -7.18 -18.99 11.47
N PHE A 243 -5.94 -18.54 11.60
CA PHE A 243 -4.96 -18.47 10.51
C PHE A 243 -3.72 -19.22 10.99
N TYR A 244 -3.23 -20.10 10.14
CA TYR A 244 -2.06 -20.97 10.43
C TYR A 244 -0.98 -20.77 9.39
N ILE A 245 0.26 -20.69 9.85
CA ILE A 245 1.39 -20.84 8.91
C ILE A 245 2.25 -22.02 9.38
N LYS A 246 2.66 -22.84 8.43
CA LYS A 246 3.63 -23.95 8.62
C LYS A 246 5.03 -23.37 8.34
N ILE A 247 5.96 -23.52 9.28
CA ILE A 247 7.34 -22.95 9.21
C ILE A 247 8.35 -24.09 9.08
N ARG A 248 9.20 -24.05 8.04
CA ARG A 248 10.14 -25.14 7.67
C ARG A 248 10.97 -25.52 8.89
N PRO A 249 11.41 -26.81 8.99
CA PRO A 249 12.38 -27.20 9.99
C PRO A 249 13.73 -26.56 9.65
N GLY A 250 14.46 -26.07 10.65
CA GLY A 250 15.90 -25.80 10.52
C GLY A 250 16.63 -27.07 10.10
N GLU A 251 17.44 -27.01 9.03
CA GLU A 251 18.17 -28.18 8.49
C GLU A 251 18.40 -29.19 9.64
N PHE A 252 18.19 -30.47 9.36
CA PHE A 252 18.41 -31.59 10.31
C PHE A 252 17.27 -31.64 11.35
N GLU A 253 16.21 -30.86 11.12
CA GLU A 253 14.91 -30.95 11.86
C GLU A 253 13.99 -31.94 11.13
N GLN A 254 13.28 -32.80 11.88
CA GLN A 254 12.45 -33.88 11.29
C GLN A 254 11.17 -33.24 10.69
N PHE A 255 10.56 -32.29 11.45
CA PHE A 255 9.17 -31.81 11.23
C PHE A 255 9.09 -30.27 11.17
N GLU A 256 8.19 -29.77 10.31
CA GLU A 256 7.77 -28.33 10.29
C GLU A 256 7.15 -27.92 11.64
N SER A 257 7.19 -26.62 12.01
CA SER A 257 6.47 -26.06 13.17
C SER A 257 5.18 -25.35 12.70
N THR A 258 4.15 -25.27 13.55
CA THR A 258 2.86 -24.58 13.22
C THR A 258 2.70 -23.44 14.20
N ILE A 259 2.43 -22.26 13.65
CA ILE A 259 2.09 -21.07 14.46
C ILE A 259 0.64 -20.75 14.11
N GLY A 260 -0.19 -20.69 15.15
CA GLY A 260 -1.62 -20.38 15.03
C GLY A 260 -1.89 -18.96 15.45
N PHE A 261 -2.80 -18.29 14.75
CA PHE A 261 -3.28 -16.96 15.17
C PHE A 261 -4.81 -16.92 15.13
N LYS A 262 -5.36 -16.14 16.05
CA LYS A 262 -6.80 -15.85 16.14
C LYS A 262 -7.09 -14.51 15.47
N LEU A 263 -7.97 -14.49 14.48
CA LEU A 263 -8.41 -13.23 13.82
C LEU A 263 -9.78 -12.83 14.39
N PRO A 264 -10.17 -11.56 14.22
CA PRO A 264 -11.45 -11.04 14.73
C PRO A 264 -12.66 -11.90 14.34
N ASN A 265 -12.68 -12.39 13.12
CA ASN A 265 -13.81 -13.15 12.56
C ASN A 265 -13.31 -13.91 11.36
N HIS A 266 -14.14 -14.77 10.81
CA HIS A 266 -13.79 -15.67 9.70
C HIS A 266 -13.35 -14.87 8.48
N ARG A 267 -14.02 -13.74 8.22
CA ARG A 267 -13.78 -12.93 6.98
C ARG A 267 -12.37 -12.35 7.10
N ALA A 268 -11.98 -11.90 8.29
CA ALA A 268 -10.63 -11.33 8.53
C ALA A 268 -9.58 -12.43 8.35
N ALA A 269 -9.85 -13.66 8.76
CA ALA A 269 -8.88 -14.76 8.55
C ALA A 269 -8.74 -15.05 7.06
N LYS A 270 -9.85 -15.09 6.31
CA LYS A 270 -9.81 -15.40 4.88
C LYS A 270 -9.06 -14.27 4.16
N ARG A 271 -9.32 -13.02 4.52
CA ARG A 271 -8.67 -11.83 3.92
C ARG A 271 -7.15 -11.93 4.08
N LEU A 272 -6.72 -12.24 5.29
CA LEU A 272 -5.27 -12.36 5.59
C LEU A 272 -4.68 -13.49 4.74
N TRP A 273 -5.34 -14.66 4.72
CA TRP A 273 -4.88 -15.82 3.93
C TRP A 273 -4.70 -15.39 2.47
N LYS A 274 -5.68 -14.71 1.90
CA LYS A 274 -5.67 -14.37 0.44
C LYS A 274 -4.52 -13.38 0.15
N VAL A 275 -4.34 -12.36 0.97
CA VAL A 275 -3.22 -11.38 0.73
C VAL A 275 -1.87 -12.07 0.91
N CYS A 276 -1.71 -13.03 1.82
CA CYS A 276 -0.43 -13.77 2.00
C CYS A 276 -0.16 -14.60 0.74
N VAL A 277 -1.16 -15.37 0.30
CA VAL A 277 -0.99 -16.20 -0.94
C VAL A 277 -0.58 -15.30 -2.11
N GLU A 278 -1.26 -14.17 -2.29
CA GLU A 278 -1.02 -13.25 -3.42
C GLU A 278 0.39 -12.70 -3.33
N HIS A 279 0.81 -12.25 -2.15
CA HIS A 279 2.18 -11.72 -1.96
C HIS A 279 3.18 -12.84 -2.21
N HIS A 280 2.93 -14.04 -1.71
CA HIS A 280 3.91 -15.15 -1.87
C HIS A 280 4.13 -15.42 -3.37
N THR A 281 3.05 -15.47 -4.14
CA THR A 281 3.12 -15.71 -5.60
C THR A 281 3.85 -14.54 -6.28
N PHE A 282 3.45 -13.33 -5.97
CA PHE A 282 3.90 -12.15 -6.72
C PHE A 282 5.41 -12.06 -6.53
N PHE A 283 5.89 -12.17 -5.30
CA PHE A 283 7.32 -11.88 -5.00
C PHE A 283 8.16 -13.15 -5.32
N ARG A 284 7.57 -14.34 -5.32
CA ARG A 284 8.24 -15.56 -5.88
C ARG A 284 8.60 -15.33 -7.36
N LEU A 285 7.75 -14.63 -8.11
CA LEU A 285 7.93 -14.48 -9.57
C LEU A 285 8.69 -13.21 -9.94
N LEU A 286 8.62 -12.17 -9.10
CA LEU A 286 8.98 -10.81 -9.57
C LEU A 286 10.38 -10.85 -10.15
#